data_5VFI
#
_entry.id   5VFI
#
_cell.length_a   72.867
_cell.length_b   103.908
_cell.length_c   38.464
_cell.angle_alpha   90.00
_cell.angle_beta   90.00
_cell.angle_gamma   90.00
#
_symmetry.space_group_name_H-M   'P 21 21 2'
#
loop_
_entity.id
_entity.type
_entity.pdbx_description
1 polymer 'Tyrosine-protein kinase BTK'
2 non-polymer "2-[3'-(hydroxymethyl)-1-methyl-5-({5-[(2S)-2-methyl-4-(oxetan-3-yl)piperazin-1-yl]pyridin-2-yl}amino)-6-oxo[1,6-dihydro[3,4'-bipyridine]]-2'-yl]-7,7-dimethyl-3,4,7,8-tetrahydro-2H-cyclopenta[4,5]pyrrolo[1,2-a]pyrazin-1(6H)-one"
3 non-polymer 1,2-ETHANEDIOL
4 non-polymer 'SULFATE ION'
5 water water
#
_entity_poly.entity_id   1
_entity_poly.type   'polypeptide(L)'
_entity_poly.pdbx_seq_one_letter_code
;GLGYGSWEIDPKDLTFLKELGTGQFGVVKYGKWRGQYDVAIKMIKEGSMSEDEFIEEAKVMMNLSHEKLVQLYGVCTKQR
PIFIITEYMANGCLLNYLREMRHRFQTQQLLEMCKDVCEAMEYLESKQFLHRDLAARNCLVNDQGVVKVSDFGLSRYVLD
DEYTSSVGSKFPVRWSPPEVLMYSKFSSKSDIWAFGVLMWEIYSLGKMPYERFTNSETAEHIAQGLRLYRPHLASEKVYT
IMYSCWHEKADERPTFKILLSNILDVMDEES
;
_entity_poly.pdbx_strand_id   A
#
loop_
_chem_comp.id
_chem_comp.type
_chem_comp.name
_chem_comp.formula
9AJ non-polymer 2-[3'-(hydroxymethyl)-1-methyl-5-({5-[(2S)-2-methyl-4-(oxetan-3-yl)piperazin-1-yl]pyridin-2-yl}amino)-6-oxo[1,6-dihydro[3,4'-bipyridine]]-2'-yl]-7,7-dimethyl-3,4,7,8-tetrahydro-2H-cyclopenta[4,5]pyrrolo[1,2-a]pyrazin-1(6H)-one 'C37 H44 N8 O4'
EDO non-polymer 1,2-ETHANEDIOL 'C2 H6 O2'
SO4 non-polymer 'SULFATE ION' 'O4 S -2'
#
# COMPACT_ATOMS: atom_id res chain seq x y z
N GLY A 1 27.49 -9.34 -13.00
CA GLY A 1 28.62 -10.24 -13.35
C GLY A 1 28.33 -11.70 -13.03
N LEU A 2 29.40 -12.50 -13.02
CA LEU A 2 29.32 -13.96 -12.85
C LEU A 2 28.61 -14.33 -11.54
N GLY A 3 27.60 -15.20 -11.65
CA GLY A 3 26.82 -15.65 -10.50
C GLY A 3 25.48 -14.96 -10.25
N TYR A 4 25.27 -13.78 -10.82
CA TYR A 4 24.05 -12.98 -10.54
C TYR A 4 23.15 -12.88 -11.77
N GLY A 5 21.88 -13.28 -11.63
CA GLY A 5 20.86 -13.06 -12.67
C GLY A 5 20.36 -11.63 -12.69
N SER A 6 19.53 -11.25 -13.67
CA SER A 6 19.09 -9.83 -13.83
C SER A 6 18.35 -9.28 -12.61
N TRP A 7 17.69 -10.18 -11.87
CA TRP A 7 16.97 -9.86 -10.64
C TRP A 7 17.86 -9.81 -9.37
N GLU A 8 19.14 -10.18 -9.51
N GLU A 8 19.15 -10.12 -9.51
CA GLU A 8 20.07 -10.30 -8.37
CA GLU A 8 20.04 -10.32 -8.34
C GLU A 8 21.00 -9.11 -8.27
C GLU A 8 21.08 -9.23 -8.21
N ILE A 9 20.99 -8.49 -7.10
CA ILE A 9 21.96 -7.45 -6.73
C ILE A 9 23.09 -8.10 -5.89
N ASP A 10 24.31 -7.68 -6.17
CA ASP A 10 25.47 -8.11 -5.36
C ASP A 10 25.42 -7.26 -4.07
N PRO A 11 25.22 -7.92 -2.90
CA PRO A 11 25.12 -7.15 -1.68
C PRO A 11 26.39 -6.34 -1.33
N LYS A 12 27.54 -6.73 -1.86
CA LYS A 12 28.78 -5.99 -1.64
C LYS A 12 28.75 -4.61 -2.30
N ASP A 13 27.79 -4.38 -3.20
CA ASP A 13 27.58 -3.05 -3.79
C ASP A 13 26.80 -2.06 -2.92
N LEU A 14 26.39 -2.50 -1.74
CA LEU A 14 25.53 -1.73 -0.86
C LEU A 14 26.35 -1.11 0.27
N THR A 15 26.08 0.18 0.50
CA THR A 15 26.56 0.90 1.69
C THR A 15 25.34 1.20 2.55
N PHE A 16 25.34 0.71 3.81
CA PHE A 16 24.23 0.93 4.77
C PHE A 16 24.49 2.19 5.54
N LEU A 17 23.49 3.06 5.56
CA LEU A 17 23.67 4.41 6.12
C LEU A 17 22.73 4.75 7.27
N LYS A 18 21.45 4.39 7.20
CA LYS A 18 20.48 4.81 8.26
C LYS A 18 19.39 3.75 8.45
N GLU A 19 18.90 3.63 9.68
CA GLU A 19 17.76 2.75 10.01
C GLU A 19 16.48 3.45 9.59
N LEU A 20 15.59 2.74 8.90
CA LEU A 20 14.28 3.27 8.53
C LEU A 20 13.12 2.65 9.25
N GLY A 21 13.37 1.74 10.19
CA GLY A 21 12.30 1.16 10.99
C GLY A 21 12.16 -0.28 10.65
N THR A 22 11.04 -0.84 11.07
CA THR A 22 10.82 -2.25 10.97
C THR A 22 9.44 -2.48 10.40
N GLY A 23 9.32 -3.46 9.51
CA GLY A 23 8.04 -3.84 8.99
C GLY A 23 7.78 -5.31 9.27
N GLN A 24 6.85 -5.86 8.52
CA GLN A 24 6.39 -7.24 8.68
C GLN A 24 7.52 -8.27 8.54
N PHE A 25 8.56 -7.95 7.75
CA PHE A 25 9.67 -8.84 7.52
C PHE A 25 10.91 -8.41 8.24
N GLY A 26 10.82 -7.43 9.16
CA GLY A 26 11.95 -6.98 9.94
C GLY A 26 12.48 -5.62 9.56
N VAL A 27 13.79 -5.43 9.71
CA VAL A 27 14.44 -4.13 9.61
C VAL A 27 14.52 -3.68 8.15
N VAL A 28 14.42 -2.37 7.96
CA VAL A 28 14.57 -1.74 6.65
C VAL A 28 15.60 -0.64 6.85
N LYS A 29 16.54 -0.52 5.91
CA LYS A 29 17.61 0.46 5.98
C LYS A 29 17.68 1.28 4.73
N TYR A 30 18.25 2.48 4.85
CA TYR A 30 18.60 3.35 3.72
C TYR A 30 20.09 3.20 3.46
N GLY A 31 20.44 3.23 2.17
CA GLY A 31 21.84 3.13 1.81
C GLY A 31 22.06 3.58 0.37
N LYS A 32 23.29 3.35 -0.09
CA LYS A 32 23.72 3.61 -1.45
C LYS A 32 24.03 2.29 -2.14
N TRP A 33 23.80 2.27 -3.44
CA TRP A 33 24.23 1.23 -4.37
C TRP A 33 25.38 1.78 -5.22
N ARG A 34 26.49 1.06 -5.22
CA ARG A 34 27.73 1.53 -5.89
C ARG A 34 28.13 2.98 -5.57
N GLY A 35 28.03 3.32 -4.26
CA GLY A 35 28.50 4.60 -3.68
C GLY A 35 27.71 5.85 -4.03
N GLN A 36 26.70 5.69 -4.87
CA GLN A 36 26.05 6.83 -5.55
C GLN A 36 24.53 6.87 -5.50
N TYR A 37 23.87 5.73 -5.69
CA TYR A 37 22.42 5.69 -5.92
C TYR A 37 21.70 5.34 -4.62
N ASP A 38 20.77 6.20 -4.21
CA ASP A 38 19.97 5.98 -3.00
C ASP A 38 19.10 4.75 -3.19
N VAL A 39 19.10 3.88 -2.19
CA VAL A 39 18.24 2.71 -2.18
C VAL A 39 17.72 2.46 -0.78
N ALA A 40 16.60 1.70 -0.71
CA ALA A 40 16.15 1.10 0.55
C ALA A 40 16.39 -0.39 0.45
N ILE A 41 16.71 -0.94 1.60
CA ILE A 41 17.04 -2.32 1.74
C ILE A 41 16.18 -2.96 2.85
N LYS A 42 15.30 -3.88 2.46
CA LYS A 42 14.62 -4.75 3.44
C LYS A 42 15.56 -5.87 3.76
N MET A 43 15.73 -6.15 5.05
CA MET A 43 16.47 -7.32 5.48
C MET A 43 15.45 -8.33 6.01
N ILE A 44 15.28 -9.47 5.32
CA ILE A 44 14.13 -10.35 5.57
C ILE A 44 14.47 -11.29 6.72
N LYS A 45 13.81 -11.04 7.86
CA LYS A 45 14.01 -11.82 9.08
C LYS A 45 13.68 -13.27 8.77
N GLU A 46 14.50 -14.18 9.27
N GLU A 46 14.48 -14.16 9.32
CA GLU A 46 14.30 -15.60 8.98
CA GLU A 46 14.33 -15.58 9.06
C GLU A 46 13.01 -16.07 9.62
C GLU A 46 13.00 -16.07 9.64
N GLY A 47 12.28 -16.90 8.88
CA GLY A 47 10.97 -17.39 9.27
C GLY A 47 9.80 -16.49 8.96
N SER A 48 10.05 -15.26 8.48
CA SER A 48 8.97 -14.34 8.26
C SER A 48 8.34 -14.40 6.88
N MET A 49 9.05 -14.97 5.93
CA MET A 49 8.65 -14.97 4.50
C MET A 49 8.73 -16.34 3.85
N SER A 50 7.79 -16.62 2.95
CA SER A 50 7.89 -17.74 2.01
C SER A 50 8.89 -17.36 0.92
N GLU A 51 10.18 -17.63 1.16
CA GLU A 51 11.25 -17.02 0.38
C GLU A 51 11.35 -17.52 -1.04
N ASP A 52 11.27 -18.82 -1.24
CA ASP A 52 11.42 -19.35 -2.61
C ASP A 52 10.28 -18.81 -3.47
N GLU A 53 9.05 -18.80 -2.95
CA GLU A 53 7.93 -18.29 -3.73
C GLU A 53 8.13 -16.80 -4.05
N PHE A 54 8.49 -16.03 -3.05
CA PHE A 54 8.78 -14.63 -3.28
C PHE A 54 9.82 -14.47 -4.41
N ILE A 55 10.90 -15.19 -4.31
CA ILE A 55 12.01 -15.00 -5.26
C ILE A 55 11.53 -15.25 -6.70
N GLU A 56 10.74 -16.30 -6.92
N GLU A 56 10.72 -16.29 -6.93
CA GLU A 56 10.18 -16.56 -8.24
CA GLU A 56 10.18 -16.50 -8.27
C GLU A 56 9.25 -15.39 -8.68
C GLU A 56 9.27 -15.35 -8.69
N GLU A 57 8.49 -14.81 -7.74
CA GLU A 57 7.60 -13.68 -8.04
C GLU A 57 8.37 -12.37 -8.26
N ALA A 58 9.52 -12.26 -7.61
CA ALA A 58 10.36 -11.06 -7.75
C ALA A 58 10.77 -10.90 -9.21
N LYS A 59 10.95 -12.00 -9.90
CA LYS A 59 11.32 -11.97 -11.32
C LYS A 59 10.26 -11.26 -12.18
N VAL A 60 8.99 -11.48 -11.87
CA VAL A 60 7.86 -10.80 -12.52
C VAL A 60 7.73 -9.35 -12.05
N MET A 61 7.82 -9.14 -10.74
N MET A 61 7.78 -9.16 -10.72
CA MET A 61 7.70 -7.79 -10.17
CA MET A 61 7.76 -7.82 -10.09
C MET A 61 8.83 -6.83 -10.61
C MET A 61 8.79 -6.86 -10.69
N MET A 62 9.94 -7.39 -11.10
CA MET A 62 11.02 -6.60 -11.74
C MET A 62 10.59 -5.86 -13.00
N ASN A 63 9.57 -6.38 -13.68
CA ASN A 63 9.02 -5.80 -14.91
C ASN A 63 7.91 -4.76 -14.67
N LEU A 64 7.53 -4.53 -13.41
CA LEU A 64 6.54 -3.53 -13.08
C LEU A 64 7.28 -2.23 -12.87
N SER A 65 6.87 -1.20 -13.59
CA SER A 65 7.49 0.10 -13.51
C SER A 65 6.42 1.17 -13.81
N HIS A 66 6.25 2.05 -12.85
CA HIS A 66 5.37 3.17 -12.97
C HIS A 66 5.89 4.26 -12.00
N GLU A 67 5.74 5.52 -12.40
CA GLU A 67 6.22 6.68 -11.63
C GLU A 67 5.65 6.76 -10.21
N LYS A 68 4.43 6.23 -10.01
CA LYS A 68 3.78 6.25 -8.68
C LYS A 68 3.86 4.91 -7.92
N LEU A 69 4.73 4.01 -8.40
CA LEU A 69 4.93 2.70 -7.82
C LEU A 69 6.37 2.62 -7.36
N VAL A 70 6.60 2.26 -6.11
CA VAL A 70 7.97 2.15 -5.61
C VAL A 70 8.71 1.05 -6.44
N GLN A 71 9.84 1.42 -7.02
CA GLN A 71 10.52 0.57 -7.99
C GLN A 71 11.28 -0.51 -7.23
N LEU A 72 11.11 -1.76 -7.62
CA LEU A 72 12.00 -2.83 -7.20
C LEU A 72 13.25 -2.79 -8.09
N TYR A 73 14.42 -2.80 -7.44
CA TYR A 73 15.68 -2.87 -8.18
C TYR A 73 16.30 -4.27 -8.29
N GLY A 74 16.04 -5.11 -7.30
CA GLY A 74 16.63 -6.42 -7.24
C GLY A 74 16.50 -7.01 -5.87
N VAL A 75 16.99 -8.25 -5.79
CA VAL A 75 17.08 -9.00 -4.55
C VAL A 75 18.48 -9.57 -4.35
N CYS A 76 18.81 -9.82 -3.10
CA CYS A 76 20.05 -10.45 -2.74
C CYS A 76 19.66 -11.70 -2.03
N THR A 77 19.84 -12.84 -2.69
CA THR A 77 19.33 -14.12 -2.17
C THR A 77 20.38 -15.18 -1.91
N LYS A 78 21.65 -14.88 -2.13
CA LYS A 78 22.67 -15.94 -2.00
C LYS A 78 22.99 -16.27 -0.53
N GLN A 79 22.59 -15.42 0.41
CA GLN A 79 22.75 -15.73 1.83
C GLN A 79 21.57 -15.18 2.58
N ARG A 80 21.42 -15.61 3.82
CA ARG A 80 20.33 -15.16 4.70
C ARG A 80 20.90 -14.22 5.77
N PRO A 81 20.15 -13.16 6.12
CA PRO A 81 18.85 -12.80 5.59
C PRO A 81 18.93 -12.33 4.15
N ILE A 82 17.90 -12.62 3.35
CA ILE A 82 17.84 -12.09 2.01
C ILE A 82 17.49 -10.60 2.08
N PHE A 83 17.80 -9.86 1.01
CA PHE A 83 17.53 -8.44 0.94
C PHE A 83 16.61 -8.18 -0.23
N ILE A 84 15.73 -7.21 -0.04
CA ILE A 84 14.94 -6.60 -1.14
C ILE A 84 15.36 -5.14 -1.31
N ILE A 85 15.83 -4.81 -2.49
CA ILE A 85 16.37 -3.49 -2.77
C ILE A 85 15.36 -2.73 -3.59
N THR A 86 14.99 -1.53 -3.15
CA THR A 86 14.01 -0.68 -3.82
C THR A 86 14.43 0.76 -3.88
N GLU A 87 13.63 1.51 -4.62
CA GLU A 87 13.64 2.95 -4.56
C GLU A 87 13.49 3.41 -3.11
N TYR A 88 14.11 4.54 -2.80
CA TYR A 88 14.08 5.16 -1.47
C TYR A 88 13.14 6.31 -1.50
N MET A 89 12.39 6.45 -0.40
CA MET A 89 11.30 7.41 -0.28
C MET A 89 11.58 8.22 0.99
N ALA A 90 12.16 9.40 0.82
CA ALA A 90 12.79 10.13 1.91
C ALA A 90 11.83 10.57 2.98
N ASN A 91 10.56 10.76 2.66
CA ASN A 91 9.61 11.24 3.69
C ASN A 91 8.82 10.17 4.38
N GLY A 92 9.17 8.93 4.09
CA GLY A 92 8.61 7.75 4.80
C GLY A 92 7.15 7.43 4.56
N CYS A 93 6.55 6.67 5.50
N CYS A 93 6.57 6.80 5.58
CA CYS A 93 5.20 6.18 5.33
CA CYS A 93 5.23 6.30 5.58
C CYS A 93 4.19 7.31 5.36
C CYS A 93 4.17 7.38 5.40
N LEU A 94 3.21 7.17 4.48
CA LEU A 94 2.14 8.14 4.29
C LEU A 94 1.36 8.37 5.57
N LEU A 95 1.14 7.32 6.33
CA LEU A 95 0.34 7.47 7.55
C LEU A 95 0.99 8.43 8.52
N ASN A 96 2.28 8.26 8.76
CA ASN A 96 2.97 9.19 9.66
C ASN A 96 3.04 10.60 9.10
N TYR A 97 3.22 10.68 7.79
CA TYR A 97 3.25 11.96 7.12
C TYR A 97 1.92 12.71 7.32
N LEU A 98 0.80 12.05 7.12
CA LEU A 98 -0.52 12.66 7.35
C LEU A 98 -0.77 13.13 8.77
N ARG A 99 -0.30 12.34 9.70
CA ARG A 99 -0.41 12.64 11.12
C ARG A 99 0.40 13.80 11.64
N GLU A 100 1.39 14.28 10.88
N GLU A 100 1.39 14.27 10.87
CA GLU A 100 2.19 15.44 11.28
CA GLU A 100 2.18 15.43 11.25
C GLU A 100 1.44 16.71 10.88
C GLU A 100 1.38 16.67 10.87
N MET A 101 0.71 17.29 11.84
CA MET A 101 -0.20 18.40 11.57
C MET A 101 0.51 19.64 11.09
N ARG A 102 1.82 19.74 11.34
CA ARG A 102 2.56 20.92 10.88
C ARG A 102 2.44 21.14 9.38
N HIS A 103 2.28 20.08 8.58
CA HIS A 103 2.20 20.25 7.12
C HIS A 103 1.02 21.09 6.69
N ARG A 104 -0.08 21.01 7.43
CA ARG A 104 -1.28 21.82 7.17
C ARG A 104 -1.61 21.84 5.69
N PHE A 105 -1.85 20.65 5.20
CA PHE A 105 -2.12 20.38 3.80
C PHE A 105 -3.37 21.10 3.40
N GLN A 106 -3.32 21.67 2.20
CA GLN A 106 -4.51 22.14 1.53
C GLN A 106 -5.25 20.96 0.89
N THR A 107 -6.56 21.13 0.70
CA THR A 107 -7.38 20.02 0.20
C THR A 107 -6.93 19.58 -1.22
N GLN A 108 -6.42 20.53 -2.01
CA GLN A 108 -5.89 20.18 -3.34
C GLN A 108 -4.70 19.21 -3.22
N GLN A 109 -3.88 19.38 -2.18
CA GLN A 109 -2.74 18.48 -1.94
C GLN A 109 -3.19 17.13 -1.49
N LEU A 110 -4.24 17.07 -0.69
CA LEU A 110 -4.81 15.76 -0.29
C LEU A 110 -5.36 15.01 -1.49
N LEU A 111 -6.05 15.73 -2.38
CA LEU A 111 -6.56 15.09 -3.61
C LEU A 111 -5.46 14.58 -4.54
N GLU A 112 -4.33 15.31 -4.65
CA GLU A 112 -3.15 14.89 -5.41
C GLU A 112 -2.58 13.57 -4.86
N MET A 113 -2.55 13.42 -3.52
CA MET A 113 -2.12 12.18 -2.90
C MET A 113 -3.00 11.03 -3.34
N CYS A 114 -4.33 11.24 -3.33
CA CYS A 114 -5.27 10.19 -3.80
C CYS A 114 -5.04 9.85 -5.23
N LYS A 115 -4.78 10.87 -6.05
CA LYS A 115 -4.51 10.64 -7.49
C LYS A 115 -3.22 9.83 -7.72
N ASP A 116 -2.17 10.17 -6.99
CA ASP A 116 -0.88 9.48 -7.08
C ASP A 116 -1.13 7.96 -6.85
N VAL A 117 -1.84 7.64 -5.77
CA VAL A 117 -2.17 6.23 -5.47
C VAL A 117 -3.04 5.61 -6.56
N CYS A 118 -4.07 6.33 -6.97
CA CYS A 118 -4.99 5.81 -7.97
C CYS A 118 -4.27 5.45 -9.28
N GLU A 119 -3.35 6.32 -9.72
CA GLU A 119 -2.53 6.04 -10.90
C GLU A 119 -1.72 4.72 -10.77
N ALA A 120 -1.08 4.52 -9.62
CA ALA A 120 -0.33 3.30 -9.32
C ALA A 120 -1.22 2.09 -9.38
N MET A 121 -2.42 2.24 -8.83
CA MET A 121 -3.37 1.15 -8.72
C MET A 121 -4.00 0.83 -10.08
N GLU A 122 -4.29 1.84 -10.89
CA GLU A 122 -4.72 1.60 -12.27
C GLU A 122 -3.65 0.83 -13.03
N TYR A 123 -2.38 1.21 -12.88
CA TYR A 123 -1.29 0.47 -13.48
C TYR A 123 -1.30 -0.99 -13.08
N LEU A 124 -1.36 -1.21 -11.77
CA LEU A 124 -1.35 -2.58 -11.27
C LEU A 124 -2.59 -3.34 -11.79
N GLU A 125 -3.73 -2.67 -11.82
CA GLU A 125 -5.01 -3.24 -12.27
C GLU A 125 -4.87 -3.64 -13.75
N SER A 126 -4.20 -2.78 -14.53
CA SER A 126 -3.93 -3.02 -15.96
C SER A 126 -3.07 -4.25 -16.17
N LYS A 127 -2.19 -4.54 -15.19
CA LYS A 127 -1.38 -5.74 -15.17
C LYS A 127 -2.02 -6.91 -14.37
N GLN A 128 -3.32 -6.86 -14.07
CA GLN A 128 -4.01 -7.92 -13.27
C GLN A 128 -3.28 -8.33 -11.97
N PHE A 129 -2.67 -7.35 -11.33
CA PHE A 129 -1.86 -7.52 -10.14
C PHE A 129 -2.56 -6.88 -8.91
N LEU A 130 -2.95 -7.71 -7.91
CA LEU A 130 -3.63 -7.19 -6.70
C LEU A 130 -2.62 -6.70 -5.68
N HIS A 131 -2.96 -5.62 -5.02
CA HIS A 131 -2.19 -5.21 -3.86
C HIS A 131 -2.39 -6.12 -2.66
N ARG A 132 -3.64 -6.21 -2.23
CA ARG A 132 -4.14 -6.95 -1.05
C ARG A 132 -3.95 -6.34 0.30
N ASP A 133 -3.18 -5.26 0.40
CA ASP A 133 -3.03 -4.55 1.67
C ASP A 133 -2.81 -3.09 1.40
N LEU A 134 -3.73 -2.48 0.65
CA LEU A 134 -3.67 -1.06 0.36
C LEU A 134 -4.16 -0.30 1.59
N ALA A 135 -3.36 0.68 2.04
CA ALA A 135 -3.63 1.45 3.24
C ALA A 135 -2.57 2.50 3.36
N ALA A 136 -2.84 3.57 4.10
CA ALA A 136 -1.86 4.65 4.26
C ALA A 136 -0.52 4.16 4.86
N ARG A 137 -0.60 3.21 5.80
CA ARG A 137 0.61 2.63 6.36
C ARG A 137 1.54 2.01 5.35
N ASN A 138 0.98 1.56 4.24
CA ASN A 138 1.70 0.88 3.15
C ASN A 138 1.95 1.70 1.91
N CYS A 139 1.80 3.03 1.99
CA CYS A 139 2.23 3.94 0.96
C CYS A 139 3.41 4.75 1.49
N LEU A 140 4.23 5.29 0.57
CA LEU A 140 5.46 6.00 0.92
C LEU A 140 5.45 7.37 0.25
N VAL A 141 6.22 8.30 0.81
CA VAL A 141 6.23 9.66 0.33
C VAL A 141 7.68 10.06 0.02
N ASN A 142 7.94 10.64 -1.17
CA ASN A 142 9.31 11.01 -1.54
C ASN A 142 9.63 12.46 -1.14
N ASP A 143 10.85 12.90 -1.37
CA ASP A 143 11.27 14.26 -1.00
C ASP A 143 10.48 15.38 -1.66
N GLN A 144 9.77 15.08 -2.75
CA GLN A 144 8.93 16.06 -3.46
C GLN A 144 7.47 15.98 -3.04
N GLY A 145 7.15 15.19 -2.00
CA GLY A 145 5.79 15.01 -1.57
C GLY A 145 4.93 14.12 -2.44
N VAL A 146 5.55 13.39 -3.36
CA VAL A 146 4.80 12.45 -4.24
C VAL A 146 4.55 11.17 -3.45
N VAL A 147 3.32 10.70 -3.41
CA VAL A 147 2.97 9.43 -2.76
C VAL A 147 3.11 8.27 -3.75
N LYS A 148 3.72 7.18 -3.31
CA LYS A 148 3.84 5.98 -4.13
C LYS A 148 3.37 4.73 -3.35
N VAL A 149 2.86 3.75 -4.11
CA VAL A 149 2.44 2.45 -3.60
C VAL A 149 3.64 1.51 -3.48
N SER A 150 3.60 0.77 -2.38
CA SER A 150 4.72 -0.02 -1.94
C SER A 150 4.20 -1.30 -1.36
N ASP A 151 5.03 -2.32 -1.41
CA ASP A 151 4.71 -3.61 -0.80
C ASP A 151 3.45 -4.33 -1.35
N PHE A 152 3.10 -3.98 -2.57
CA PHE A 152 2.05 -4.63 -3.32
C PHE A 152 2.37 -6.09 -3.54
N GLY A 153 1.38 -6.94 -3.34
CA GLY A 153 1.54 -8.37 -3.58
C GLY A 153 2.29 -9.17 -2.52
N LEU A 154 2.99 -8.51 -1.59
CA LEU A 154 3.84 -9.22 -0.62
C LEU A 154 3.08 -9.95 0.49
N SER A 155 1.80 -9.62 0.67
CA SER A 155 0.95 -10.31 1.62
C SER A 155 0.96 -11.80 1.37
N ARG A 156 1.12 -12.21 0.12
CA ARG A 156 1.06 -13.61 -0.22
C ARG A 156 2.17 -14.46 0.37
N TYR A 157 3.27 -13.80 0.73
CA TYR A 157 4.45 -14.45 1.23
C TYR A 157 4.67 -14.26 2.73
N VAL A 158 3.69 -13.74 3.44
CA VAL A 158 3.83 -13.50 4.89
C VAL A 158 3.51 -14.80 5.59
N LEU A 159 4.36 -15.24 6.55
N LEU A 159 4.46 -15.24 6.44
CA LEU A 159 4.13 -16.51 7.29
CA LEU A 159 4.31 -16.35 7.35
C LEU A 159 3.42 -16.40 8.64
C LEU A 159 4.18 -15.77 8.76
N ASP A 160 3.01 -15.20 9.02
CA ASP A 160 2.60 -14.86 10.35
C ASP A 160 1.10 -15.03 10.35
N ASP A 161 0.60 -16.02 11.11
CA ASP A 161 -0.83 -16.34 11.08
C ASP A 161 -1.70 -15.21 11.65
N GLU A 162 -1.10 -14.35 12.46
CA GLU A 162 -1.82 -13.19 12.99
C GLU A 162 -2.09 -12.16 11.92
N TYR A 163 -1.27 -12.18 10.87
CA TYR A 163 -1.49 -11.29 9.75
C TYR A 163 -2.46 -11.94 8.72
N THR A 164 -2.28 -13.25 8.49
CA THR A 164 -2.94 -13.92 7.36
C THR A 164 -4.41 -14.21 7.69
N SER A 165 -4.65 -14.68 8.91
CA SER A 165 -6.01 -15.03 9.38
C SER A 165 -6.93 -13.81 9.41
N SER A 166 -8.14 -13.93 8.88
CA SER A 166 -9.10 -12.84 8.88
C SER A 166 -9.54 -12.38 10.29
N VAL A 167 -9.29 -13.20 11.28
CA VAL A 167 -9.52 -12.83 12.69
C VAL A 167 -8.20 -12.65 13.46
N GLY A 168 -7.08 -12.61 12.74
CA GLY A 168 -5.80 -12.33 13.38
C GLY A 168 -5.66 -10.87 13.77
N SER A 169 -4.72 -10.63 14.67
CA SER A 169 -4.46 -9.29 15.22
C SER A 169 -3.94 -8.27 14.22
N LYS A 170 -3.30 -8.75 13.14
CA LYS A 170 -2.64 -7.92 12.18
C LYS A 170 -3.32 -7.87 10.82
N PHE A 171 -4.41 -8.61 10.68
CA PHE A 171 -5.16 -8.63 9.41
C PHE A 171 -5.80 -7.23 9.17
N PRO A 172 -5.80 -6.72 7.92
CA PRO A 172 -6.36 -5.39 7.64
C PRO A 172 -7.89 -5.30 7.60
N VAL A 173 -8.51 -5.69 8.70
CA VAL A 173 -9.98 -5.77 8.84
C VAL A 173 -10.63 -4.48 8.39
N ARG A 174 -10.12 -3.32 8.87
CA ARG A 174 -10.73 -2.04 8.61
C ARG A 174 -10.60 -1.53 7.16
N TRP A 175 -9.79 -2.21 6.35
CA TRP A 175 -9.62 -1.86 4.95
C TRP A 175 -10.29 -2.92 4.04
N SER A 176 -11.08 -3.83 4.63
CA SER A 176 -11.59 -4.96 3.89
C SER A 176 -13.10 -4.90 3.60
N PRO A 177 -13.49 -5.28 2.36
CA PRO A 177 -14.90 -5.32 2.09
C PRO A 177 -15.61 -6.51 2.69
N PRO A 178 -16.96 -6.47 2.72
CA PRO A 178 -17.65 -7.56 3.35
C PRO A 178 -17.34 -8.98 2.79
N GLU A 179 -17.15 -9.09 1.47
CA GLU A 179 -16.87 -10.39 0.90
C GLU A 179 -15.50 -10.99 1.28
N VAL A 180 -14.55 -10.14 1.62
CA VAL A 180 -13.26 -10.57 2.13
C VAL A 180 -13.45 -11.10 3.54
N LEU A 181 -14.16 -10.34 4.34
CA LEU A 181 -14.40 -10.73 5.75
C LEU A 181 -15.30 -11.93 5.91
N MET A 182 -16.28 -12.07 4.99
CA MET A 182 -17.21 -13.17 5.04
C MET A 182 -16.71 -14.48 4.40
N TYR A 183 -16.05 -14.35 3.24
N TYR A 183 -16.02 -14.43 3.27
CA TYR A 183 -15.81 -15.45 2.31
CA TYR A 183 -15.61 -15.68 2.62
C TYR A 183 -14.37 -15.56 1.73
C TYR A 183 -14.37 -15.56 1.73
N SER A 184 -13.46 -14.65 2.07
CA SER A 184 -12.14 -14.57 1.42
C SER A 184 -12.23 -14.31 -0.09
N LYS A 185 -13.16 -13.47 -0.51
CA LYS A 185 -13.38 -13.24 -1.95
C LYS A 185 -12.49 -12.06 -2.27
N PHE A 186 -11.25 -12.30 -2.74
CA PHE A 186 -10.31 -11.19 -3.04
C PHE A 186 -10.37 -10.96 -4.51
N SER A 187 -10.32 -9.69 -4.91
CA SER A 187 -10.46 -9.31 -6.30
C SER A 187 -9.99 -7.90 -6.50
N SER A 188 -10.03 -7.41 -7.73
CA SER A 188 -9.77 -5.98 -7.96
C SER A 188 -10.65 -5.13 -7.07
N LYS A 189 -11.90 -5.61 -6.88
CA LYS A 189 -12.89 -4.88 -6.10
C LYS A 189 -12.61 -4.83 -4.61
N SER A 190 -11.81 -5.75 -4.08
CA SER A 190 -11.37 -5.55 -2.68
C SER A 190 -10.24 -4.47 -2.56
N ASP A 191 -9.36 -4.36 -3.56
CA ASP A 191 -8.43 -3.25 -3.65
C ASP A 191 -9.18 -1.91 -3.78
N ILE A 192 -10.27 -1.92 -4.56
CA ILE A 192 -11.09 -0.73 -4.72
C ILE A 192 -11.62 -0.28 -3.35
N TRP A 193 -12.21 -1.22 -2.58
CA TRP A 193 -12.76 -0.95 -1.24
C TRP A 193 -11.67 -0.30 -0.38
N ALA A 194 -10.49 -0.93 -0.38
CA ALA A 194 -9.37 -0.43 0.38
C ALA A 194 -8.90 0.96 0.00
N PHE A 195 -8.91 1.20 -1.30
CA PHE A 195 -8.59 2.55 -1.80
C PHE A 195 -9.53 3.60 -1.28
N GLY A 196 -10.82 3.29 -1.23
CA GLY A 196 -11.76 4.22 -0.61
C GLY A 196 -11.44 4.51 0.86
N VAL A 197 -11.11 3.47 1.63
CA VAL A 197 -10.68 3.66 2.99
C VAL A 197 -9.40 4.52 3.02
N LEU A 198 -8.49 4.28 2.11
CA LEU A 198 -7.27 5.12 2.01
C LEU A 198 -7.58 6.60 1.73
N MET A 199 -8.50 6.88 0.77
CA MET A 199 -8.96 8.29 0.61
C MET A 199 -9.49 8.82 1.91
N TRP A 200 -10.31 8.04 2.63
CA TRP A 200 -10.77 8.49 3.92
C TRP A 200 -9.61 8.77 4.89
N GLU A 201 -8.61 7.90 4.94
CA GLU A 201 -7.43 8.18 5.81
C GLU A 201 -6.74 9.50 5.46
N ILE A 202 -6.56 9.75 4.17
CA ILE A 202 -5.93 10.99 3.65
C ILE A 202 -6.72 12.17 4.10
N TYR A 203 -8.04 12.15 3.89
CA TYR A 203 -8.84 13.34 4.25
C TYR A 203 -9.06 13.51 5.74
N SER A 204 -8.85 12.42 6.49
CA SER A 204 -8.92 12.39 7.92
C SER A 204 -7.57 12.62 8.57
N LEU A 205 -6.56 12.94 7.78
CA LEU A 205 -5.16 13.10 8.26
C LEU A 205 -4.70 11.93 9.16
N GLY A 206 -5.05 10.73 8.77
CA GLY A 206 -4.46 9.55 9.38
C GLY A 206 -5.17 9.07 10.62
N LYS A 207 -6.42 9.49 10.84
CA LYS A 207 -7.21 8.86 11.88
C LYS A 207 -7.38 7.40 11.56
N MET A 208 -7.54 6.59 12.59
N MET A 208 -7.53 6.57 12.58
CA MET A 208 -7.91 5.18 12.42
CA MET A 208 -7.86 5.17 12.35
C MET A 208 -9.35 5.06 11.83
C MET A 208 -9.32 5.04 11.84
N PRO A 209 -9.54 4.26 10.76
CA PRO A 209 -10.94 4.03 10.35
C PRO A 209 -11.72 3.36 11.47
N TYR A 210 -12.97 3.76 11.67
CA TYR A 210 -13.81 3.22 12.70
C TYR A 210 -13.16 3.29 14.08
N GLU A 211 -12.62 4.47 14.44
CA GLU A 211 -11.70 4.55 15.58
C GLU A 211 -12.36 4.14 16.90
N ARG A 212 -13.69 4.19 17.01
CA ARG A 212 -14.33 3.87 18.26
C ARG A 212 -14.79 2.40 18.37
N PHE A 213 -14.58 1.64 17.28
CA PHE A 213 -14.91 0.20 17.22
C PHE A 213 -13.67 -0.68 17.30
N THR A 214 -13.85 -1.91 17.76
CA THR A 214 -12.85 -2.96 17.57
C THR A 214 -12.96 -3.48 16.15
N ASN A 215 -12.00 -4.32 15.75
CA ASN A 215 -12.06 -5.01 14.44
C ASN A 215 -13.33 -5.85 14.33
N SER A 216 -13.65 -6.61 15.36
CA SER A 216 -14.85 -7.42 15.41
C SER A 216 -16.13 -6.58 15.18
N GLU A 217 -16.19 -5.43 15.86
CA GLU A 217 -17.36 -4.56 15.74
C GLU A 217 -17.40 -3.96 14.34
N THR A 218 -16.23 -3.68 13.79
CA THR A 218 -16.15 -3.06 12.48
C THR A 218 -16.69 -4.05 11.43
N ALA A 219 -16.30 -5.30 11.56
CA ALA A 219 -16.76 -6.35 10.63
C ALA A 219 -18.29 -6.46 10.63
N GLU A 220 -18.87 -6.49 11.82
CA GLU A 220 -20.33 -6.52 11.99
C GLU A 220 -21.00 -5.30 11.38
N HIS A 221 -20.49 -4.11 11.70
N HIS A 221 -20.49 -4.12 11.67
CA HIS A 221 -20.94 -2.79 11.19
CA HIS A 221 -21.14 -2.92 11.21
C HIS A 221 -21.06 -2.84 9.67
C HIS A 221 -21.06 -2.80 9.66
N ILE A 222 -19.93 -3.13 9.02
CA ILE A 222 -19.85 -3.07 7.55
C ILE A 222 -20.73 -4.16 6.92
N ALA A 223 -20.82 -5.31 7.57
CA ALA A 223 -21.71 -6.36 7.10
C ALA A 223 -23.20 -5.98 7.19
N GLN A 224 -23.59 -5.16 8.16
CA GLN A 224 -24.93 -4.57 8.29
C GLN A 224 -25.20 -3.38 7.33
N GLY A 225 -24.19 -2.96 6.60
CA GLY A 225 -24.33 -1.88 5.62
C GLY A 225 -23.87 -0.52 6.08
N LEU A 226 -23.34 -0.41 7.27
N LEU A 226 -23.44 -0.42 7.36
CA LEU A 226 -22.92 0.90 7.72
CA LEU A 226 -22.78 0.80 7.97
C LEU A 226 -21.50 1.14 7.26
C LEU A 226 -21.51 1.12 7.21
N ARG A 227 -21.16 2.41 7.15
CA ARG A 227 -19.95 2.88 6.46
C ARG A 227 -19.27 3.96 7.25
N LEU A 228 -18.01 4.20 6.90
CA LEU A 228 -17.35 5.43 7.30
C LEU A 228 -18.23 6.61 6.83
N TYR A 229 -18.06 7.77 7.48
CA TYR A 229 -18.73 8.99 7.01
C TYR A 229 -17.73 10.11 6.72
N ARG A 230 -18.25 11.22 6.23
CA ARG A 230 -17.44 12.20 5.53
C ARG A 230 -16.43 12.94 6.42
N PRO A 231 -15.13 12.81 6.10
CA PRO A 231 -14.17 13.61 6.83
C PRO A 231 -14.42 15.12 6.65
N HIS A 232 -14.12 15.91 7.68
CA HIS A 232 -14.38 17.32 7.58
C HIS A 232 -13.73 18.01 6.36
N LEU A 233 -12.52 17.60 5.98
CA LEU A 233 -11.80 18.24 4.86
C LEU A 233 -12.24 17.74 3.48
N ALA A 234 -13.09 16.70 3.46
CA ALA A 234 -13.59 16.18 2.17
C ALA A 234 -14.79 16.92 1.67
N SER A 235 -14.73 17.48 0.44
CA SER A 235 -15.94 18.05 -0.17
C SER A 235 -16.97 16.98 -0.45
N GLU A 236 -18.22 17.38 -0.74
CA GLU A 236 -19.25 16.40 -1.14
C GLU A 236 -18.79 15.56 -2.35
N LYS A 237 -18.17 16.21 -3.33
CA LYS A 237 -17.66 15.49 -4.51
C LYS A 237 -16.58 14.47 -4.19
N VAL A 238 -15.66 14.82 -3.30
CA VAL A 238 -14.62 13.89 -2.87
C VAL A 238 -15.23 12.75 -2.10
N TYR A 239 -16.16 13.08 -1.19
CA TYR A 239 -16.81 12.03 -0.40
C TYR A 239 -17.58 11.07 -1.28
N THR A 240 -18.22 11.57 -2.33
CA THR A 240 -18.93 10.71 -3.28
C THR A 240 -17.99 9.69 -3.90
N ILE A 241 -16.77 10.12 -4.23
CA ILE A 241 -15.80 9.20 -4.81
C ILE A 241 -15.40 8.09 -3.84
N MET A 242 -15.01 8.46 -2.62
CA MET A 242 -14.58 7.46 -1.64
C MET A 242 -15.74 6.50 -1.33
N TYR A 243 -16.94 7.05 -1.21
CA TYR A 243 -18.13 6.27 -0.85
C TYR A 243 -18.50 5.24 -1.92
N SER A 244 -18.27 5.62 -3.15
CA SER A 244 -18.50 4.71 -4.28
C SER A 244 -17.69 3.43 -4.27
N CYS A 245 -16.58 3.50 -3.55
CA CYS A 245 -15.74 2.31 -3.33
C CYS A 245 -16.32 1.26 -2.39
N TRP A 246 -17.42 1.60 -1.72
CA TRP A 246 -17.92 0.81 -0.61
C TRP A 246 -19.28 0.19 -0.90
N HIS A 247 -19.62 0.03 -2.17
N HIS A 247 -19.68 0.08 -2.17
CA HIS A 247 -20.87 -0.61 -2.50
CA HIS A 247 -20.92 -0.61 -2.50
C HIS A 247 -20.87 -2.05 -2.01
C HIS A 247 -20.85 -2.02 -1.95
N GLU A 248 -21.96 -2.49 -1.39
CA GLU A 248 -22.03 -3.85 -0.86
C GLU A 248 -21.74 -4.88 -1.96
N LYS A 249 -22.22 -4.61 -3.16
CA LYS A 249 -22.05 -5.46 -4.33
C LYS A 249 -20.76 -5.09 -5.02
N ALA A 250 -19.81 -6.01 -5.01
CA ALA A 250 -18.47 -5.70 -5.49
C ALA A 250 -18.54 -5.22 -6.95
N ASP A 251 -19.39 -5.86 -7.76
CA ASP A 251 -19.51 -5.54 -9.18
C ASP A 251 -20.10 -4.13 -9.49
N GLU A 252 -20.65 -3.45 -8.47
CA GLU A 252 -21.11 -2.08 -8.58
C GLU A 252 -20.07 -1.06 -8.15
N ARG A 253 -18.89 -1.52 -7.69
CA ARG A 253 -17.81 -0.61 -7.37
C ARG A 253 -17.06 -0.22 -8.64
N PRO A 254 -16.52 0.99 -8.66
CA PRO A 254 -15.80 1.41 -9.85
C PRO A 254 -14.51 0.64 -10.06
N THR A 255 -13.95 0.82 -11.24
CA THR A 255 -12.55 0.42 -11.50
C THR A 255 -11.61 1.56 -11.15
N PHE A 256 -10.31 1.29 -11.11
CA PHE A 256 -9.35 2.35 -10.87
C PHE A 256 -9.28 3.35 -12.02
N LYS A 257 -9.51 2.90 -13.24
CA LYS A 257 -9.62 3.82 -14.36
C LYS A 257 -10.78 4.82 -14.14
N ILE A 258 -11.96 4.33 -13.74
CA ILE A 258 -13.11 5.21 -13.46
C ILE A 258 -12.80 6.14 -12.25
N LEU A 259 -12.24 5.60 -11.19
CA LEU A 259 -11.82 6.44 -10.08
C LEU A 259 -10.88 7.57 -10.52
N LEU A 260 -9.91 7.23 -11.35
CA LEU A 260 -8.92 8.21 -11.82
C LEU A 260 -9.60 9.38 -12.58
N SER A 261 -10.52 9.02 -13.49
N SER A 261 -10.49 9.01 -13.51
CA SER A 261 -11.27 10.00 -14.26
CA SER A 261 -11.32 9.94 -14.27
C SER A 261 -12.16 10.83 -13.33
C SER A 261 -12.10 10.83 -13.31
N ASN A 262 -12.73 10.21 -12.29
CA ASN A 262 -13.52 10.96 -11.32
C ASN A 262 -12.70 11.95 -10.49
N ILE A 263 -11.50 11.52 -10.07
CA ILE A 263 -10.58 12.37 -9.33
C ILE A 263 -10.10 13.53 -10.18
N LEU A 264 -9.72 13.25 -11.42
CA LEU A 264 -9.36 14.37 -12.34
C LEU A 264 -10.49 15.36 -12.52
N ASP A 265 -11.72 14.87 -12.67
CA ASP A 265 -12.89 15.76 -12.82
C ASP A 265 -13.05 16.66 -11.61
N VAL A 266 -12.96 16.07 -10.43
CA VAL A 266 -13.03 16.86 -9.21
C VAL A 266 -11.91 17.86 -9.13
N MET A 267 -10.69 17.46 -9.45
CA MET A 267 -9.61 18.47 -9.53
C MET A 267 -9.96 19.64 -10.47
N ASP A 268 -10.59 19.37 -11.61
CA ASP A 268 -10.95 20.44 -12.54
C ASP A 268 -12.08 21.33 -12.01
N GLU A 269 -12.91 20.76 -11.14
CA GLU A 269 -14.08 21.47 -10.60
C GLU A 269 -13.78 22.24 -9.33
N GLU A 270 -12.80 21.75 -8.58
CA GLU A 270 -12.54 22.23 -7.23
C GLU A 270 -11.15 22.87 -7.07
N SER A 271 -10.44 23.07 -8.18
CA SER A 271 -9.16 23.78 -8.18
C SER A 271 -8.83 24.32 -9.56
C4 9AJ B . 6.66 -5.17 4.60
C14 9AJ B . 6.00 -1.37 6.10
C5 9AJ B . 5.32 -5.47 4.31
C6 9AJ B . 4.46 -6.61 3.84
C11 9AJ B . 4.59 -4.39 4.48
C7 9AJ B . 2.99 -6.15 4.03
C8 9AJ B . 2.42 -6.66 5.35
C9 9AJ B . 2.11 -6.51 2.84
C10 9AJ B . 3.16 -4.60 4.15
C13 9AJ B . 5.02 -1.98 5.14
C3 9AJ B . 6.69 -3.86 5.00
O47 9AJ B . 11.93 4.34 1.42
C46 9AJ B . 11.45 3.58 2.27
C26 9AJ B . 11.24 4.05 3.61
N27 9AJ B . 11.63 5.38 3.82
C28 9AJ B . 11.75 6.05 5.03
N33 9AJ B . 11.22 5.64 6.14
C32 9AJ B . 11.37 6.31 7.27
C31 9AJ B . 12.03 7.54 7.34
N34 9AJ B . 12.11 8.25 8.58
C39 9AJ B . 12.13 9.74 8.48
C41 9AJ B . 10.82 10.20 7.84
C38 9AJ B . 12.24 10.40 9.86
N37 9AJ B . 13.33 9.82 10.66
C42 9AJ B . 13.46 10.49 11.99
C45 9AJ B . 13.91 11.96 12.00
O44 9AJ B . 15.24 11.45 12.21
C43 9AJ B . 14.78 10.21 12.75
C36 9AJ B . 13.02 8.38 10.86
C35 9AJ B . 13.09 7.66 9.52
C30 9AJ B . 12.56 8.03 6.15
C29 9AJ B . 12.38 7.31 4.98
C25 9AJ B . 10.69 3.23 4.56
N48 9AJ B . 11.14 2.32 1.96
C49 9AJ B . 11.31 1.74 0.61
C50 9AJ B . 10.62 1.49 2.92
C24 9AJ B . 10.36 1.91 4.21
C20 9AJ B . 9.82 0.96 5.23
C19 9AJ B . 10.41 0.92 6.51
C18 9AJ B . 9.94 0.04 7.46
N17 9AJ B . 8.94 -0.81 7.25
C21 9AJ B . 8.77 0.04 4.98
C22 9AJ B . 8.07 0.06 3.66
O23 9AJ B . 8.32 -1.02 2.79
C16 9AJ B . 8.38 -0.83 6.04
N15 9AJ B . 7.38 -1.73 5.80
C2 9AJ B . 7.76 -2.98 5.34
O1 9AJ B . 8.95 -3.37 5.13
N12 9AJ B . 5.38 -3.37 4.93
C1 EDO C . -8.32 -6.11 1.80
C1 EDO C . -7.71 -5.19 2.76
O1 EDO C . -7.95 -7.40 2.37
O1 EDO C . -6.79 -4.22 2.27
C2 EDO C . -7.41 -5.06 2.45
C2 EDO C . -8.63 -5.63 1.62
O2 EDO C . -6.88 -4.15 1.50
O2 EDO C . -8.00 -5.62 0.35
C1 EDO D . -4.62 19.61 7.39
O1 EDO D . -4.49 20.95 6.90
C2 EDO D . -3.37 19.09 8.15
O2 EDO D . -2.30 18.79 7.30
C1 EDO E . -12.39 -8.26 -11.24
O1 EDO E . -12.82 -7.91 -9.92
C2 EDO E . -11.20 -9.24 -11.30
O2 EDO E . -10.30 -9.22 -10.19
C1 EDO F . 13.11 10.67 -2.04
O1 EDO F . 12.51 9.41 -2.15
C2 EDO F . 14.63 10.56 -2.29
O2 EDO F . 15.43 11.56 -1.58
C1 EDO G . -14.31 22.89 -2.00
O1 EDO G . -15.59 22.38 -2.39
C2 EDO G . -13.23 21.80 -2.06
O2 EDO G . -12.72 21.40 -0.77
C1 EDO H . 28.11 0.54 5.96
C1 EDO H . 28.85 0.33 5.58
O1 EDO H . 27.66 -0.49 5.00
O1 EDO H . 27.96 0.26 4.45
C2 EDO H . 29.42 0.12 6.63
C2 EDO H . 28.72 1.63 6.34
O2 EDO H . 30.43 1.09 6.36
O2 EDO H . 28.85 2.83 5.56
C1 EDO I . 2.36 25.58 0.51
O1 EDO I . 1.72 26.75 0.01
C2 EDO I . 1.73 24.31 0.01
O2 EDO I . 0.47 24.12 0.64
C1 EDO J . -17.74 4.91 13.74
O1 EDO J . -17.07 4.90 12.49
C2 EDO J . -16.79 4.35 14.80
O2 EDO J . -15.61 5.11 15.00
S SO4 K . 28.25 -5.41 -13.91
O1 SO4 K . 29.18 -4.47 -13.29
O2 SO4 K . 26.89 -5.27 -13.38
O3 SO4 K . 28.75 -6.76 -13.66
O4 SO4 K . 28.20 -5.15 -15.34
S SO4 L . -12.51 14.53 10.74
O1 SO4 L . -13.77 14.77 10.09
O2 SO4 L . -12.23 15.51 11.79
O3 SO4 L . -11.47 14.45 9.77
O4 SO4 L . -12.60 13.28 11.47
#